data_2UWN
#
_entry.id   2UWN
#
_cell.length_a   74.756
_cell.length_b   92.491
_cell.length_c   57.311
_cell.angle_alpha   90.00
_cell.angle_beta   90.00
_cell.angle_gamma   90.00
#
_symmetry.space_group_name_H-M   'C 2 2 21'
#
loop_
_entity.id
_entity.type
_entity.pdbx_description
1 polymer 'HUMAN COMPLEMENT FACTOR H'
2 branched 1,3,4,6-tetra-O-sulfo-beta-D-fructofuranose-(2-1)-2,3,4,6-tetra-O-sulfonato-alpha-D-glucopyranose
3 non-polymer 'ACETATE ION'
4 non-polymer 'CHLORIDE ION'
5 non-polymer 'SULFATE ION'
6 water water
#
_entity_poly.entity_id   1
_entity_poly.type   'polypeptide(L)'
_entity_poly.pdbx_seq_one_letter_code
;MGLKPCDYPDIKHGGLYHENMRRPYFPVAVGKYYSYYCDEHFETPSGSYWDHIHCTQDGWSPAVPCLRKCYFPYLENGYN
QNHGRKFVQGKSIDVACHPGYALPKAQTTVTCMENGWSPTPRCIRVKTCSKSSIDIENGFISESQYTYALKEKAKYQCKL
GYVTADGETSGSITCGKDGWSAQPTCI
;
_entity_poly.pdbx_strand_id   A
#
loop_
_chem_comp.id
_chem_comp.type
_chem_comp.name
_chem_comp.formula
ACT non-polymer 'ACETATE ION' 'C2 H3 O2 -1'
CL non-polymer 'CHLORIDE ION' 'Cl -1'
GU4 D-saccharide, alpha linking 2,3,4,6-tetra-O-sulfonato-alpha-D-glucopyranose 'C6 H12 O18 S4'
SO4 non-polymer 'SULFATE ION' 'O4 S -2'
YYJ D-saccharide, beta linking 1,3,4,6-tetra-O-sulfo-beta-D-fructofuranose 'C6 H12 O18 S4'
#
# COMPACT_ATOMS: atom_id res chain seq x y z
N MET A 1 -47.52 -0.37 -13.90
CA MET A 1 -47.79 -0.95 -12.59
C MET A 1 -46.78 -0.48 -11.53
N GLY A 2 -45.74 -1.27 -11.30
CA GLY A 2 -44.76 -0.95 -10.28
C GLY A 2 -43.31 -1.16 -10.68
N LEU A 3 -42.54 -0.07 -10.61
CA LEU A 3 -41.09 -0.11 -10.88
C LEU A 3 -40.47 -0.36 -9.49
N LYS A 4 -40.87 -1.50 -8.90
CA LYS A 4 -40.63 -1.75 -7.55
C LYS A 4 -39.75 -2.82 -7.17
N PRO A 5 -39.72 -2.90 -5.88
CA PRO A 5 -39.42 -1.97 -4.80
C PRO A 5 -37.96 -2.52 -4.39
N CYS A 6 -37.35 -1.84 -3.21
CA CYS A 6 -35.98 -2.23 -2.60
C CYS A 6 -36.14 -3.07 -1.29
N ASP A 7 -35.22 -4.01 -1.05
CA ASP A 7 -35.24 -4.83 0.19
C ASP A 7 -34.45 -4.14 1.33
N TYR A 8 -34.43 -4.76 2.50
CA TYR A 8 -33.74 -4.23 3.68
C TYR A 8 -32.28 -4.05 3.36
N PRO A 9 -31.75 -2.84 3.60
CA PRO A 9 -30.36 -2.60 3.26
C PRO A 9 -29.40 -3.22 4.25
N ASP A 10 -28.70 -4.27 3.82
CA ASP A 10 -27.71 -4.92 4.65
C ASP A 10 -26.48 -4.01 4.63
N ILE A 11 -26.44 -3.07 5.56
CA ILE A 11 -25.35 -2.09 5.61
C ILE A 11 -24.11 -2.65 6.28
N LYS A 12 -23.05 -2.83 5.50
CA LYS A 12 -21.78 -3.31 6.01
C LYS A 12 -21.09 -2.18 6.77
N HIS A 13 -20.67 -2.45 8.00
CA HIS A 13 -19.98 -1.48 8.85
C HIS A 13 -20.88 -0.32 9.29
N GLY A 14 -22.18 -0.55 9.28
CA GLY A 14 -23.15 0.46 9.67
C GLY A 14 -24.50 -0.15 10.01
N GLY A 15 -25.54 0.67 9.99
CA GLY A 15 -26.87 0.22 10.30
C GLY A 15 -27.91 1.32 10.17
N LEU A 16 -29.17 0.92 10.10
CA LEU A 16 -30.27 1.87 9.98
C LEU A 16 -30.72 2.32 11.37
N TYR A 17 -31.05 3.59 11.48
CA TYR A 17 -31.60 4.13 12.74
C TYR A 17 -33.06 3.66 12.79
N HIS A 18 -33.63 3.62 14.00
CA HIS A 18 -35.00 3.19 14.20
C HIS A 18 -35.25 1.85 13.53
N GLU A 19 -34.32 0.92 13.75
CA GLU A 19 -34.36 -0.41 13.13
C GLU A 19 -35.67 -1.14 13.39
N ASN A 20 -36.15 -1.07 14.63
CA ASN A 20 -37.38 -1.73 15.04
C ASN A 20 -38.66 -1.18 14.37
N MET A 21 -38.67 0.10 14.07
CA MET A 21 -39.82 0.74 13.44
C MET A 21 -39.92 0.48 11.94
N ARG A 22 -38.78 0.53 11.27
CA ARG A 22 -38.71 0.40 9.82
C ARG A 22 -38.80 -1.03 9.30
N ARG A 23 -38.50 -1.96 10.19
CA ARG A 23 -38.60 -3.37 9.87
C ARG A 23 -39.90 -3.77 10.48
N PRO A 24 -40.80 -4.33 9.73
CA PRO A 24 -40.89 -4.77 8.36
C PRO A 24 -41.57 -3.84 7.27
N TYR A 25 -41.53 -2.67 7.05
CA TYR A 25 -42.22 -2.03 5.90
C TYR A 25 -41.58 -2.58 4.57
N PHE A 26 -40.43 -3.26 4.68
CA PHE A 26 -39.71 -3.80 3.52
C PHE A 26 -40.38 -5.05 2.94
N PRO A 27 -40.32 -5.24 1.61
CA PRO A 27 -39.72 -4.37 0.58
C PRO A 27 -40.24 -2.94 0.61
N VAL A 28 -39.34 -2.00 0.34
CA VAL A 28 -39.65 -0.57 0.37
C VAL A 28 -39.75 0.00 -1.05
N ALA A 29 -40.73 0.87 -1.27
CA ALA A 29 -40.95 1.48 -2.57
C ALA A 29 -39.83 2.44 -2.95
N VAL A 30 -39.63 2.64 -4.25
CA VAL A 30 -38.60 3.54 -4.77
C VAL A 30 -38.91 4.98 -4.33
N GLY A 31 -37.87 5.73 -4.00
CA GLY A 31 -38.02 7.10 -3.53
C GLY A 31 -37.85 7.16 -2.02
N LYS A 32 -38.31 6.11 -1.33
CA LYS A 32 -38.14 6.03 0.11
C LYS A 32 -36.64 6.09 0.45
N TYR A 33 -36.31 6.80 1.51
CA TYR A 33 -34.92 6.89 1.97
C TYR A 33 -34.89 6.84 3.49
N TYR A 34 -33.84 6.24 4.03
CA TYR A 34 -33.73 6.11 5.47
C TYR A 34 -32.39 6.59 6.01
N SER A 35 -32.45 7.19 7.19
CA SER A 35 -31.26 7.65 7.89
C SER A 35 -30.51 6.42 8.42
N TYR A 36 -29.20 6.43 8.28
CA TYR A 36 -28.38 5.32 8.73
C TYR A 36 -27.10 5.88 9.36
N TYR A 37 -26.43 5.05 10.15
CA TYR A 37 -25.18 5.44 10.78
C TYR A 37 -24.05 4.51 10.32
N CYS A 38 -22.82 4.90 10.62
CA CYS A 38 -21.65 4.06 10.33
C CYS A 38 -20.92 3.78 11.63
N ASP A 39 -20.41 2.57 11.78
CA ASP A 39 -19.72 2.16 12.99
C ASP A 39 -18.41 2.95 13.19
N GLU A 40 -17.82 2.79 14.37
CA GLU A 40 -16.55 3.41 14.71
C GLU A 40 -15.53 3.00 13.63
N HIS A 41 -14.63 3.92 13.29
CA HIS A 41 -13.60 3.68 12.26
C HIS A 41 -14.15 3.72 10.84
N PHE A 42 -15.43 4.10 10.69
CA PHE A 42 -16.06 4.19 9.38
C PHE A 42 -16.83 5.51 9.23
N GLU A 43 -17.04 5.92 7.99
CA GLU A 43 -17.69 7.19 7.70
C GLU A 43 -18.60 7.08 6.49
N THR A 44 -19.54 8.01 6.39
CA THR A 44 -20.45 8.08 5.23
C THR A 44 -19.73 8.84 4.10
N PRO A 45 -20.19 8.65 2.85
CA PRO A 45 -19.64 9.40 1.70
C PRO A 45 -19.53 10.92 1.97
N SER A 46 -20.48 11.49 2.71
CA SER A 46 -20.47 12.92 3.06
C SER A 46 -19.32 13.27 4.02
N GLY A 47 -18.81 12.27 4.74
CA GLY A 47 -17.72 12.47 5.68
C GLY A 47 -18.18 12.51 7.13
N SER A 48 -19.46 12.20 7.36
CA SER A 48 -20.02 12.19 8.72
C SER A 48 -20.26 10.76 9.19
N TYR A 49 -20.76 10.63 10.42
CA TYR A 49 -21.07 9.32 11.00
C TYR A 49 -22.49 8.86 10.66
N TRP A 50 -23.26 9.72 9.99
CA TRP A 50 -24.64 9.40 9.63
C TRP A 50 -25.06 10.10 8.33
N ASP A 51 -25.94 9.45 7.57
CA ASP A 51 -26.47 10.02 6.34
C ASP A 51 -27.78 9.32 5.96
N HIS A 52 -28.20 9.49 4.71
CA HIS A 52 -29.42 8.89 4.20
C HIS A 52 -29.13 7.95 3.04
N ILE A 53 -29.71 6.75 3.09
CA ILE A 53 -29.62 5.79 1.98
C ILE A 53 -30.94 5.85 1.21
N HIS A 54 -30.84 5.84 -0.11
CA HIS A 54 -32.02 5.97 -0.96
C HIS A 54 -32.27 4.75 -1.82
N CYS A 55 -33.54 4.35 -1.88
CA CYS A 55 -33.96 3.23 -2.72
C CYS A 55 -34.09 3.72 -4.16
N THR A 56 -33.10 3.39 -4.98
CA THR A 56 -33.09 3.78 -6.39
C THR A 56 -33.63 2.63 -7.24
N GLN A 57 -33.95 2.93 -8.50
CA GLN A 57 -34.45 1.92 -9.42
C GLN A 57 -33.38 0.83 -9.66
N ASP A 58 -32.12 1.18 -9.39
CA ASP A 58 -31.00 0.26 -9.54
C ASP A 58 -30.47 -0.24 -8.18
N GLY A 59 -31.29 -0.12 -7.13
CA GLY A 59 -30.92 -0.56 -5.79
C GLY A 59 -30.70 0.57 -4.81
N TRP A 60 -30.01 0.28 -3.72
CA TRP A 60 -29.73 1.28 -2.68
C TRP A 60 -28.63 2.24 -3.08
N SER A 61 -28.80 3.52 -2.74
CA SER A 61 -27.82 4.56 -3.05
C SER A 61 -27.59 5.43 -1.81
N PRO A 62 -26.32 5.63 -1.41
CA PRO A 62 -25.07 5.11 -2.01
C PRO A 62 -24.90 3.60 -1.93
N ALA A 63 -24.16 3.04 -2.91
CA ALA A 63 -23.88 1.61 -2.98
C ALA A 63 -22.96 1.16 -1.85
N VAL A 64 -22.07 2.05 -1.42
CA VAL A 64 -21.16 1.79 -0.30
C VAL A 64 -21.40 2.89 0.74
N PRO A 65 -22.40 2.68 1.61
CA PRO A 65 -22.82 3.70 2.58
C PRO A 65 -21.81 4.04 3.64
N CYS A 66 -20.98 3.06 4.00
CA CYS A 66 -19.97 3.24 5.03
C CYS A 66 -18.58 2.91 4.53
N LEU A 67 -17.74 3.93 4.41
CA LEU A 67 -16.36 3.77 3.94
C LEU A 67 -15.43 3.84 5.14
N ARG A 68 -14.29 3.14 5.06
CA ARG A 68 -13.34 3.15 6.17
C ARG A 68 -12.60 4.46 6.29
N LYS A 69 -12.21 4.75 7.53
CA LYS A 69 -11.44 5.94 7.84
C LYS A 69 -10.11 5.43 8.39
N CYS A 70 -9.01 5.82 7.74
CA CYS A 70 -7.67 5.36 8.14
C CYS A 70 -6.88 6.47 8.82
N TYR A 71 -6.16 6.07 9.87
CA TYR A 71 -5.40 6.96 10.73
C TYR A 71 -3.93 6.67 10.53
N PHE A 72 -3.20 7.65 10.02
CA PHE A 72 -1.79 7.46 9.73
C PHE A 72 -0.97 7.41 11.00
N PRO A 73 -0.23 6.31 11.21
CA PRO A 73 0.53 6.10 12.44
C PRO A 73 1.89 6.75 12.40
N TYR A 74 2.59 6.72 13.53
CA TYR A 74 3.94 7.24 13.61
C TYR A 74 4.91 6.26 12.92
N LEU A 75 5.90 6.79 12.21
CA LEU A 75 6.92 5.97 11.53
C LEU A 75 8.25 6.18 12.24
N GLU A 76 8.63 5.22 13.08
CA GLU A 76 9.89 5.30 13.82
C GLU A 76 11.12 5.28 12.91
N ASN A 77 11.03 4.55 11.80
CA ASN A 77 12.13 4.47 10.84
C ASN A 77 11.83 5.17 9.51
N GLY A 78 11.05 6.24 9.57
CA GLY A 78 10.68 7.01 8.37
C GLY A 78 10.49 8.49 8.66
N TYR A 79 10.27 9.26 7.60
CA TYR A 79 10.01 10.69 7.73
C TYR A 79 8.52 10.91 7.98
N ASN A 80 8.19 11.64 9.04
CA ASN A 80 6.80 11.85 9.45
C ASN A 80 6.20 13.19 9.06
N GLN A 81 5.13 13.15 8.27
CA GLN A 81 4.39 14.35 7.90
C GLN A 81 2.85 14.19 8.04
N ASN A 82 2.39 12.95 8.21
CA ASN A 82 0.94 12.67 8.29
C ASN A 82 0.48 11.99 9.59
N HIS A 83 1.38 11.85 10.56
CA HIS A 83 1.02 11.20 11.83
C HIS A 83 -0.17 11.91 12.50
N GLY A 84 -1.34 11.28 12.45
CA GLY A 84 -2.55 11.82 13.05
C GLY A 84 -3.60 12.22 12.02
N ARG A 85 -3.23 12.23 10.75
CA ARG A 85 -4.16 12.58 9.67
C ARG A 85 -5.12 11.44 9.39
N LYS A 86 -6.34 11.78 8.98
CA LYS A 86 -7.35 10.81 8.65
C LYS A 86 -7.56 10.79 7.14
N PHE A 87 -7.74 9.60 6.59
CA PHE A 87 -7.96 9.46 5.16
C PHE A 87 -9.10 8.48 4.89
N VAL A 88 -9.93 8.81 3.90
CA VAL A 88 -11.07 8.00 3.53
C VAL A 88 -10.63 6.86 2.62
N GLN A 89 -11.36 5.75 2.67
CA GLN A 89 -11.10 4.58 1.85
C GLN A 89 -10.86 4.95 0.40
N GLY A 90 -9.90 4.29 -0.24
CA GLY A 90 -9.55 4.56 -1.63
C GLY A 90 -8.43 5.57 -1.80
N LYS A 91 -8.00 6.18 -0.69
CA LYS A 91 -6.94 7.18 -0.72
C LYS A 91 -5.55 6.58 -0.59
N SER A 92 -4.62 7.09 -1.40
CA SER A 92 -3.23 6.63 -1.40
C SER A 92 -2.34 7.75 -0.86
N ILE A 93 -1.40 7.39 0.01
CA ILE A 93 -0.52 8.36 0.64
C ILE A 93 0.93 7.96 0.42
N ASP A 94 1.77 8.94 0.10
CA ASP A 94 3.21 8.67 -0.09
C ASP A 94 3.85 8.40 1.26
N VAL A 95 4.78 7.45 1.27
CA VAL A 95 5.52 7.10 2.48
C VAL A 95 7.02 7.23 2.24
N ALA A 96 7.68 8.08 3.02
CA ALA A 96 9.11 8.28 2.91
C ALA A 96 9.82 7.60 4.09
N CYS A 97 10.47 6.49 3.83
CA CYS A 97 11.23 5.78 4.85
C CYS A 97 12.65 6.31 4.89
N HIS A 98 13.34 6.08 6.00
CA HIS A 98 14.72 6.50 6.15
C HIS A 98 15.59 5.69 5.22
N PRO A 99 16.72 6.27 4.77
CA PRO A 99 17.66 5.50 3.95
C PRO A 99 17.94 4.13 4.59
N GLY A 100 17.83 3.08 3.79
CA GLY A 100 18.07 1.72 4.27
C GLY A 100 16.83 1.01 4.78
N TYR A 101 15.69 1.72 4.81
CA TYR A 101 14.42 1.13 5.23
C TYR A 101 13.41 1.32 4.11
N ALA A 102 12.50 0.37 3.97
CA ALA A 102 11.48 0.43 2.93
C ALA A 102 10.16 -0.16 3.39
N LEU A 103 9.11 0.13 2.65
CA LEU A 103 7.81 -0.45 2.93
C LEU A 103 7.90 -1.90 2.48
N PRO A 104 7.02 -2.76 3.02
CA PRO A 104 7.05 -4.16 2.57
C PRO A 104 6.03 -4.36 1.44
N LYS A 105 6.48 -4.60 0.21
CA LYS A 105 7.89 -4.79 -0.16
C LYS A 105 8.01 -4.73 -1.70
N ALA A 106 8.30 -3.57 -2.27
CA ALA A 106 8.46 -2.33 -1.54
C ALA A 106 7.68 -1.23 -2.24
N GLN A 107 6.42 -1.07 -1.85
CA GLN A 107 5.60 0.00 -2.38
C GLN A 107 6.17 1.33 -1.88
N THR A 108 5.74 2.42 -2.48
CA THR A 108 6.17 3.74 -2.05
C THR A 108 4.97 4.48 -1.45
N THR A 109 3.80 3.81 -1.44
CA THR A 109 2.58 4.39 -0.90
C THR A 109 1.74 3.33 -0.20
N VAL A 110 0.92 3.79 0.76
CA VAL A 110 -0.03 2.93 1.45
C VAL A 110 -1.44 3.42 1.08
N THR A 111 -2.33 2.48 0.78
CA THR A 111 -3.70 2.81 0.37
C THR A 111 -4.69 2.36 1.44
N CYS A 112 -5.69 3.20 1.69
CA CYS A 112 -6.71 2.88 2.70
C CYS A 112 -7.80 2.01 2.09
N MET A 113 -7.83 0.76 2.53
CA MET A 113 -8.82 -0.20 2.06
C MET A 113 -9.95 -0.25 3.07
N GLU A 114 -10.93 -1.12 2.82
CA GLU A 114 -12.04 -1.32 3.74
C GLU A 114 -11.55 -2.00 5.02
N ASN A 115 -10.45 -2.75 4.89
CA ASN A 115 -9.85 -3.51 5.99
C ASN A 115 -8.72 -2.75 6.71
N GLY A 116 -8.37 -1.57 6.19
CA GLY A 116 -7.30 -0.76 6.76
C GLY A 116 -6.25 -0.41 5.73
N TRP A 117 -5.09 0.06 6.20
CA TRP A 117 -3.99 0.43 5.30
C TRP A 117 -3.46 -0.79 4.55
N SER A 118 -3.07 -0.59 3.30
CA SER A 118 -2.50 -1.66 2.48
C SER A 118 -1.32 -1.14 1.65
N PRO A 119 -0.08 -1.54 1.99
CA PRO A 119 0.23 -2.42 3.13
C PRO A 119 0.24 -1.60 4.43
N THR A 120 0.62 -2.24 5.53
CA THR A 120 0.74 -1.58 6.82
C THR A 120 1.83 -0.49 6.72
N PRO A 121 1.53 0.73 7.21
CA PRO A 121 2.49 1.83 7.16
C PRO A 121 3.64 1.70 8.17
N ARG A 122 4.65 0.93 7.80
CA ARG A 122 5.84 0.77 8.64
C ARG A 122 7.06 0.43 7.80
N CYS A 123 8.18 1.05 8.12
CA CYS A 123 9.42 0.91 7.36
C CYS A 123 10.30 -0.17 7.93
N ILE A 124 10.55 -1.20 7.12
CA ILE A 124 11.35 -2.35 7.54
C ILE A 124 12.77 -2.28 6.99
N ARG A 125 13.73 -2.73 7.78
CA ARG A 125 15.12 -2.70 7.37
C ARG A 125 15.36 -3.56 6.14
N VAL A 126 15.95 -2.95 5.11
CA VAL A 126 16.24 -3.64 3.87
C VAL A 126 17.49 -4.51 4.01
N LYS A 127 17.43 -5.72 3.44
CA LYS A 127 18.59 -6.63 3.45
C LYS A 127 19.61 -6.15 2.42
N THR A 128 20.89 -6.24 2.79
CA THR A 128 21.96 -5.72 1.96
C THR A 128 23.13 -6.67 1.76
N CYS A 129 23.99 -6.31 0.81
CA CYS A 129 25.26 -7.00 0.56
C CYS A 129 26.33 -5.94 0.74
N SER A 130 27.46 -6.33 1.30
CA SER A 130 28.54 -5.38 1.52
C SER A 130 29.56 -5.41 0.38
N LYS A 131 30.08 -4.23 0.04
CA LYS A 131 31.12 -4.10 -0.96
C LYS A 131 32.42 -4.74 -0.42
N SER A 132 32.60 -4.68 0.90
CA SER A 132 33.78 -5.23 1.57
C SER A 132 33.90 -6.74 1.42
N SER A 133 32.77 -7.40 1.11
CA SER A 133 32.77 -8.86 0.92
C SER A 133 33.07 -9.23 -0.54
N ILE A 134 33.04 -8.25 -1.44
CA ILE A 134 33.34 -8.49 -2.85
C ILE A 134 34.84 -8.72 -3.02
N ASP A 135 35.20 -9.54 -4.01
CA ASP A 135 36.61 -9.80 -4.33
C ASP A 135 36.79 -9.90 -5.84
N ILE A 136 37.68 -9.06 -6.38
CA ILE A 136 37.95 -9.07 -7.81
C ILE A 136 39.43 -8.80 -8.09
N GLU A 137 40.02 -9.66 -8.91
CA GLU A 137 41.42 -9.51 -9.32
C GLU A 137 41.43 -9.07 -10.78
N ASN A 138 42.30 -8.10 -11.11
CA ASN A 138 42.44 -7.57 -12.46
C ASN A 138 41.29 -6.66 -12.87
N GLY A 139 40.68 -6.03 -11.89
CA GLY A 139 39.57 -5.13 -12.09
C GLY A 139 39.20 -4.55 -10.76
N PHE A 140 38.32 -3.55 -10.75
CA PHE A 140 37.89 -2.91 -9.51
C PHE A 140 36.41 -2.56 -9.55
N ILE A 141 35.82 -2.37 -8.38
CA ILE A 141 34.41 -2.01 -8.27
C ILE A 141 34.25 -0.51 -8.56
N SER A 142 33.76 -0.21 -9.75
CA SER A 142 33.58 1.15 -10.20
C SER A 142 32.20 1.66 -9.85
N GLU A 143 31.97 1.90 -8.55
CA GLU A 143 30.68 2.41 -8.11
C GLU A 143 30.75 3.84 -7.53
N SER A 144 31.18 4.04 -6.27
CA SER A 144 31.55 2.98 -5.33
C SER A 144 30.87 3.22 -3.97
N GLN A 145 29.80 2.47 -3.71
CA GLN A 145 29.06 2.57 -2.44
C GLN A 145 29.39 1.35 -1.56
N TYR A 146 29.27 1.51 -0.25
CA TYR A 146 29.60 0.44 0.68
C TYR A 146 28.50 -0.60 0.84
N THR A 147 27.26 -0.15 0.84
CA THR A 147 26.13 -1.03 1.03
C THR A 147 25.19 -1.04 -0.15
N TYR A 148 24.82 -2.25 -0.59
CA TYR A 148 23.91 -2.42 -1.70
C TYR A 148 22.65 -3.13 -1.21
N ALA A 149 21.50 -2.60 -1.57
CA ALA A 149 20.23 -3.21 -1.19
C ALA A 149 19.98 -4.44 -2.05
N LEU A 150 19.07 -5.31 -1.58
CA LEU A 150 18.70 -6.49 -2.33
C LEU A 150 18.31 -6.10 -3.76
N LYS A 151 18.74 -6.90 -4.74
CA LYS A 151 18.45 -6.65 -6.17
C LYS A 151 19.24 -5.47 -6.79
N GLU A 152 19.97 -4.73 -5.96
CA GLU A 152 20.83 -3.64 -6.45
C GLU A 152 22.09 -4.30 -7.02
N LYS A 153 22.67 -3.68 -8.05
CA LYS A 153 23.85 -4.24 -8.69
C LYS A 153 25.13 -3.50 -8.40
N ALA A 154 26.20 -4.25 -8.22
CA ALA A 154 27.53 -3.70 -7.99
C ALA A 154 28.28 -3.70 -9.33
N LYS A 155 28.73 -2.53 -9.74
CA LYS A 155 29.42 -2.36 -11.02
C LYS A 155 30.93 -2.57 -10.87
N TYR A 156 31.54 -3.25 -11.83
CA TYR A 156 32.99 -3.47 -11.83
C TYR A 156 33.60 -3.34 -13.22
N GLN A 157 34.81 -2.81 -13.29
CA GLN A 157 35.52 -2.59 -14.55
C GLN A 157 36.86 -3.33 -14.51
N CYS A 158 37.17 -4.06 -15.59
CA CYS A 158 38.42 -4.80 -15.68
C CYS A 158 39.59 -3.89 -16.00
N LYS A 159 40.79 -4.39 -15.74
CA LYS A 159 42.02 -3.66 -16.04
C LYS A 159 42.27 -3.72 -17.55
N LEU A 160 43.02 -2.74 -18.06
CA LEU A 160 43.33 -2.66 -19.49
C LEU A 160 43.84 -3.99 -20.03
N GLY A 161 43.10 -4.56 -20.98
CA GLY A 161 43.47 -5.82 -21.60
C GLY A 161 42.72 -7.02 -21.06
N TYR A 162 42.05 -6.85 -19.91
CA TYR A 162 41.30 -7.94 -19.28
C TYR A 162 39.82 -7.86 -19.64
N VAL A 163 39.15 -9.01 -19.60
CA VAL A 163 37.73 -9.10 -19.96
C VAL A 163 36.95 -9.99 -19.02
N THR A 164 35.64 -9.70 -18.91
CA THR A 164 34.74 -10.46 -18.04
C THR A 164 34.34 -11.78 -18.68
N ALA A 165 33.34 -12.44 -18.10
CA ALA A 165 32.86 -13.74 -18.59
C ALA A 165 31.65 -13.59 -19.53
N ASP A 166 31.71 -12.58 -20.40
CA ASP A 166 30.62 -12.30 -21.35
C ASP A 166 31.03 -12.23 -22.87
N GLY A 167 32.25 -11.97 -23.23
CA GLY A 167 33.30 -11.37 -22.50
C GLY A 167 33.56 -9.98 -22.89
N GLU A 168 33.12 -9.08 -22.17
CA GLU A 168 33.18 -7.62 -22.11
C GLU A 168 34.30 -7.08 -21.22
N THR A 169 34.54 -5.77 -21.35
CA THR A 169 35.57 -5.09 -20.57
C THR A 169 35.07 -4.64 -19.20
N SER A 170 33.76 -4.78 -18.98
CA SER A 170 33.13 -4.42 -17.71
C SER A 170 31.83 -5.20 -17.53
N GLY A 171 31.41 -5.36 -16.29
CA GLY A 171 30.18 -6.06 -15.97
C GLY A 171 29.60 -5.61 -14.64
N SER A 172 28.84 -6.50 -14.01
CA SER A 172 28.23 -6.21 -12.73
C SER A 172 27.88 -7.51 -12.01
N ILE A 173 27.52 -7.38 -10.74
CA ILE A 173 27.04 -8.51 -9.91
C ILE A 173 25.82 -8.02 -9.14
N THR A 174 24.95 -8.96 -8.77
CA THR A 174 23.68 -8.63 -8.11
C THR A 174 23.63 -9.07 -6.65
N CYS A 175 23.04 -8.22 -5.81
CA CYS A 175 22.86 -8.52 -4.41
C CYS A 175 21.59 -9.34 -4.25
N GLY A 176 21.71 -10.48 -3.57
CA GLY A 176 20.58 -11.36 -3.34
C GLY A 176 20.40 -11.67 -1.87
N LYS A 177 19.37 -12.47 -1.56
CA LYS A 177 19.10 -12.87 -0.18
C LYS A 177 20.28 -13.65 0.39
N ASP A 178 20.99 -14.34 -0.50
CA ASP A 178 22.11 -15.20 -0.14
C ASP A 178 23.47 -14.54 -0.35
N GLY A 179 23.47 -13.24 -0.65
CA GLY A 179 24.71 -12.52 -0.91
C GLY A 179 24.83 -12.15 -2.38
N TRP A 180 26.07 -11.95 -2.82
CA TRP A 180 26.33 -11.57 -4.21
C TRP A 180 26.06 -12.69 -5.20
N SER A 181 25.52 -12.32 -6.36
CA SER A 181 25.23 -13.26 -7.44
C SER A 181 26.43 -14.15 -7.74
N ALA A 182 27.63 -13.56 -7.68
CA ALA A 182 28.86 -14.29 -7.94
C ALA A 182 30.07 -13.40 -7.71
N GLN A 183 31.24 -13.89 -8.07
CA GLN A 183 32.47 -13.12 -7.98
C GLN A 183 32.79 -12.54 -9.35
N PRO A 184 33.15 -11.24 -9.41
CA PRO A 184 33.57 -10.66 -10.68
C PRO A 184 34.80 -11.41 -11.22
N THR A 185 34.79 -11.64 -12.53
CA THR A 185 35.88 -12.35 -13.21
C THR A 185 36.46 -11.44 -14.27
N CYS A 186 37.74 -11.09 -14.13
CA CYS A 186 38.44 -10.28 -15.12
C CYS A 186 39.70 -11.01 -15.55
N ILE A 187 39.62 -11.70 -16.68
CA ILE A 187 40.75 -12.50 -17.20
C ILE A 187 41.10 -12.10 -18.63
C1 GU4 B . -2.91 4.20 19.97
C1 GU4 B . -2.75 4.01 19.85
O5 GU4 B . -2.06 5.10 19.36
O5 GU4 B . -1.58 4.74 19.41
C5 GU4 B . -2.09 6.40 19.95
C5 GU4 B . -1.58 6.05 19.98
C6 GU4 B . -1.17 7.08 18.96
C6 GU4 B . -0.33 6.81 19.50
O6 GU4 B . 0.19 6.88 19.20
O6 GU4 B . -0.29 6.86 18.08
S6 GU4 B . 0.82 6.43 17.81
S6 GU4 B . 1.19 6.64 17.67
O22 GU4 B . -0.13 5.64 17.07
O22 GU4 B . 1.97 7.47 18.53
O23 GU4 B . 2.22 6.10 18.09
O23 GU4 B . 1.19 6.70 16.26
O21 GU4 B . 0.92 7.65 16.96
O21 GU4 B . 1.60 5.21 18.01
C4 GU4 B . -1.65 6.25 21.44
C4 GU4 B . -1.52 5.97 21.51
O4 GU4 B . -1.66 7.60 22.05
O4 GU4 B . -1.56 7.30 22.04
S4 GU4 B . -0.47 7.79 23.01
S4 GU4 B . -0.29 7.52 22.86
O25 GU4 B . -0.63 9.08 23.60
O25 GU4 B . -0.39 8.84 23.36
O26 GU4 B . -0.34 6.56 23.73
O26 GU4 B . -0.13 6.35 23.67
O24 GU4 B . 0.79 7.91 22.17
O24 GU4 B . 0.89 7.53 21.90
C3 GU4 B . -2.82 5.43 22.09
C3 GU4 B . -2.74 5.19 22.00
O3 GU4 B . -2.71 5.24 23.49
O3 GU4 B . -2.66 5.06 23.43
S3 GU4 B . -4.16 5.39 23.97
S3 GU4 B . -3.97 5.56 24.02
O28 GU4 B . -4.66 6.53 23.31
O28 GU4 B . -3.83 5.42 25.41
O29 GU4 B . -4.12 5.19 25.38
O29 GU4 B . -5.06 4.60 23.61
O27 GU4 B . -5.00 4.22 23.44
O27 GU4 B . -4.26 6.78 23.35
C2 GU4 B . -2.79 4.05 21.44
C2 GU4 B . -2.67 3.80 21.36
O2 GU4 B . -3.79 3.14 21.89
O2 GU4 B . -3.82 3.05 21.80
S2 GU4 B . -3.26 1.68 21.81
S2 GU4 B . -3.45 1.56 21.71
O11 GU4 B . -4.33 0.85 22.25
O11 GU4 B . -4.59 0.85 22.15
O12 GU4 B . -2.58 1.53 20.60
O12 GU4 B . -2.81 1.37 20.45
O10 GU4 B . -2.17 1.51 22.85
O10 GU4 B . -2.38 1.31 22.75
C1 YYJ B . -4.53 5.87 17.69
C1 YYJ B . -5.59 3.64 18.10
C2 YYJ B . -4.24 4.39 18.02
C2 YYJ B . -4.29 4.45 18.18
C3 YYJ B . -2.97 3.94 17.12
C3 YYJ B . -4.39 5.77 17.34
C4 YYJ B . -3.51 2.92 16.12
C4 YYJ B . -3.24 5.60 16.29
C5 YYJ B . -5.07 2.88 16.37
C5 YYJ B . -3.09 4.05 16.24
C6 YYJ B . -5.55 1.43 16.51
C6 YYJ B . -1.70 3.61 15.75
O1 YYJ B . -5.20 6.52 18.80
O1 YYJ B . -5.41 2.63 17.08
O1S1 YYJ B . -4.61 8.89 19.24
O1S1 YYJ B . -6.73 1.08 15.68
O1S3 YYJ B . -1.47 1.24 16.70
O1S3 YYJ B . -6.15 6.47 19.55
O1S4 YYJ B . -2.08 1.23 14.35
O1S4 YYJ B . -1.69 7.62 14.98
O1S6 YYJ B . -7.72 3.48 15.91
O1S6 YYJ B . 0.70 2.12 16.40
O2 YYJ B . -4.22 4.24 19.47
O2 YYJ B . -3.95 4.75 19.54
O2S1 YYJ B . -4.88 8.07 17.06
O2S1 YYJ B . -6.56 0.79 18.00
O2S3 YYJ B . -0.52 1.67 18.77
O2S3 YYJ B . -5.19 8.63 19.44
O2S4 YYJ B . -1.71 3.13 13.01
O2S4 YYJ B . -3.60 8.02 13.63
O2S6 YYJ B . -9.13 2.03 17.12
O2S6 YYJ B . -0.31 0.30 15.33
O3 YYJ B . -1.75 3.47 17.84
O3 YYJ B . -4.15 6.91 18.18
O3S1 YYJ B . -6.81 8.29 18.69
O3S1 YYJ B . -7.76 2.75 16.96
O3S3 YYJ B . -3.02 1.54 18.44
O3S3 YYJ B . -6.33 7.56 17.46
O3S4 YYJ B . -0.96 3.01 15.41
O3S4 YYJ B . -3.67 8.18 16.13
O3S6 YYJ B . -7.21 3.09 18.19
O3S6 YYJ B . 0.05 2.52 14.18
O4 YYJ B . -3.24 3.32 14.78
O4 YYJ B . -3.63 6.11 15.00
O5 YYJ B . -5.35 3.66 17.54
O5 YYJ B . -3.23 3.66 17.62
O6 YYJ B . -6.98 1.22 16.74
O6 YYJ B . -1.67 2.17 15.77
S1 YYJ B . -5.45 7.98 18.36
S1 YYJ B . -6.71 1.81 17.02
S3 YYJ B . -1.72 1.93 18.03
S3 YYJ B . -5.51 7.51 18.62
S4 YYJ B . -1.90 2.73 14.36
S4 YYJ B . -3.22 7.59 14.92
S6 YYJ B . -7.81 2.48 17.07
S6 YYJ B . -0.28 1.72 15.31
C ACT C . 6.06 -8.13 7.15
O ACT C . 6.69 -8.63 6.08
OXT ACT C . 6.39 -7.06 7.61
CH3 ACT C . 4.93 -8.89 7.79
CL CL D . 8.56 2.79 10.56
CL CL E . 39.80 -5.03 -6.97
S SO4 F . -6.99 16.33 8.35
O1 SO4 F . -5.98 15.73 7.38
O2 SO4 F . -7.29 15.28 9.40
O3 SO4 F . -6.30 17.38 9.02
O4 SO4 F . -8.19 16.49 7.60
S SO4 G . -10.39 12.67 2.75
O1 SO4 G . -11.69 11.95 2.40
O2 SO4 G . -10.29 13.90 1.86
O3 SO4 G . -10.57 13.16 4.07
O4 SO4 G . -9.34 11.80 2.33
S SO4 H . -12.15 17.48 5.49
O1 SO4 H . -13.05 17.14 6.67
O2 SO4 H . -12.91 18.42 4.57
O3 SO4 H . -11.09 18.26 6.03
O4 SO4 H . -11.99 16.27 4.77
#